data_7TZU
#
_entry.id   7TZU
#
_cell.length_a   61.702
_cell.length_b   61.702
_cell.length_c   102.789
_cell.angle_alpha   90.000
_cell.angle_beta   90.000
_cell.angle_gamma   120.000
#
_symmetry.space_group_name_H-M   'P 32 1 2'
#
loop_
_entity.id
_entity.type
_entity.pdbx_description
1 polymer 'RNA (79-MER)'
2 non-polymer 1-[4-(piperazin-1-yl)pyridin-3-yl]-N-[(quinoxalin-6-yl)methyl]methanamine
3 non-polymer 'MAGNESIUM ION'
4 non-polymer 'MANGANESE (II) ION'
5 water water
#
_entity_poly.entity_id   1
_entity_poly.type   'polyribonucleotide'
_entity_poly.pdbx_seq_one_letter_code
;GCGACUCGGGGUGCCCUUCUGCGUGAAGGCUGAGAAAUACCCGUAUCACCUGAUCUGGAUAAUGCCAGCGUAGGGAAGUC
GCA
;
_entity_poly.pdbx_strand_id   A
#